data_7CGS
#
_entry.id   7CGS
#
_cell.length_a   49.688
_cell.length_b   91.223
_cell.length_c   131.414
_cell.angle_alpha   90.000
_cell.angle_beta   90.000
_cell.angle_gamma   90.000
#
_symmetry.space_group_name_H-M   'P 21 21 21'
#
loop_
_entity.id
_entity.type
_entity.pdbx_description
1 polymer '(R)-mandelonitrile lyase'
2 non-polymer 'FLAVIN-ADENINE DINUCLEOTIDE'
3 non-polymer 2-acetamido-2-deoxy-beta-D-glucopyranose
4 non-polymer 2-AMINO-2-HYDROXYMETHYL-PROPANE-1,3-DIOL
5 non-polymer BICINE
6 water water
#
_entity_poly.entity_id   1
_entity_poly.type   'polypeptide(L)'
_entity_poly.pdbx_seq_one_letter_code
;EAEAHHHHHHLANTSAHDFSYLKFVYNATDTSLEGSYDYIVIGGGTSGCPLAATLSEKYKVLLLERGTIATEYPNTLTAD
GFAYNLQQQDDGKTPVERFVSEDGIDNVRARILGGTTIINAGVYARANISFYSQTGIEWDLDLVNKTYEWVEDAIVVKPN
NQSWQSVIGEGFLEAGILPDNGFSLDHEAGTRLTGSTFDNNGTRHAADELLNKGDPNNLLVAVQASVEKILFSSNTSNLS
AIGVIYTDSDGNSHQAFVRGNGEVIVSAGTIGTPQLLLLSGVGPESYLSSLNITVVQPNPYVGQFVYDNPRNFINILPPN
PIEASVVTVLGIRSDYYQVSLSSLPFSTPPFSFFPTTSYPLPNSTFAHIVSQVPGPLSHGSVTLNSSSDVRIAPNIKFNY
YSNSTDLANCVSGMKKLGDLLRTKALEPYKARDVLGIDGFNYLGVPLPENQTDDASFETFCLDNVASYWHYHGGSLVGKV
LDDSFRVMGIKALRVVDASTFPYEPNSHPQGFYLMLGRYVGLQILQERSIRLEAIHNIQESM
;
_entity_poly.pdbx_strand_id   A
#
# COMPACT_ATOMS: atom_id res chain seq x y z
N HIS A 8 15.73 -18.34 6.08
CA HIS A 8 15.54 -17.81 4.69
C HIS A 8 15.62 -18.93 3.66
N HIS A 9 15.65 -20.21 4.11
CA HIS A 9 15.63 -21.39 3.21
C HIS A 9 14.45 -21.26 2.23
N HIS A 10 13.33 -20.72 2.70
CA HIS A 10 12.04 -20.80 1.94
C HIS A 10 11.86 -19.70 0.89
N LEU A 11 12.74 -18.69 0.84
CA LEU A 11 12.50 -17.53 -0.06
C LEU A 11 12.38 -18.01 -1.50
N ALA A 12 11.58 -17.28 -2.28
CA ALA A 12 11.47 -17.46 -3.72
C ALA A 12 12.82 -17.24 -4.38
N ASN A 13 12.91 -17.72 -5.60
CA ASN A 13 14.06 -17.46 -6.49
C ASN A 13 13.59 -16.69 -7.72
N THR A 14 14.53 -16.39 -8.62
CA THR A 14 14.23 -15.75 -9.91
C THR A 14 13.27 -16.67 -10.67
N SER A 15 12.20 -16.10 -11.23
CA SER A 15 11.19 -16.88 -11.95
C SER A 15 10.30 -15.92 -12.71
N ALA A 16 9.70 -16.37 -13.80
CA ALA A 16 8.73 -15.54 -14.53
C ALA A 16 7.52 -15.24 -13.64
N HIS A 17 6.83 -14.16 -13.96
CA HIS A 17 5.57 -13.85 -13.24
C HIS A 17 4.59 -14.98 -13.58
N ASP A 18 4.02 -15.60 -12.55
CA ASP A 18 3.16 -16.77 -12.73
C ASP A 18 1.69 -16.38 -12.92
N PHE A 19 1.26 -16.42 -14.17
CA PHE A 19 -0.13 -16.09 -14.56
C PHE A 19 -0.98 -17.36 -14.77
N SER A 20 -0.62 -18.47 -14.13
CA SER A 20 -1.40 -19.74 -14.29
C SER A 20 -2.86 -19.53 -13.87
N TYR A 21 -3.09 -18.66 -12.90
CA TYR A 21 -4.43 -18.37 -12.32
C TYR A 21 -5.39 -17.80 -13.38
N LEU A 22 -4.89 -17.32 -14.51
CA LEU A 22 -5.76 -16.74 -15.55
C LEU A 22 -6.79 -17.77 -16.02
N LYS A 23 -6.54 -19.06 -15.82
CA LYS A 23 -7.50 -20.12 -16.22
C LYS A 23 -8.84 -19.96 -15.50
N PHE A 24 -8.90 -19.28 -14.34
CA PHE A 24 -10.18 -19.07 -13.63
C PHE A 24 -10.48 -17.56 -13.45
N VAL A 25 -9.94 -16.73 -14.36
CA VAL A 25 -10.23 -15.28 -14.44
C VAL A 25 -11.15 -15.05 -15.63
N TYR A 26 -12.25 -14.31 -15.41
CA TYR A 26 -13.29 -14.08 -16.44
C TYR A 26 -13.70 -12.60 -16.40
N ASN A 27 -14.13 -12.13 -17.57
CA ASN A 27 -14.68 -10.78 -17.71
C ASN A 27 -16.00 -10.74 -16.90
N ALA A 28 -16.26 -9.68 -16.16
CA ALA A 28 -17.52 -9.47 -15.42
C ALA A 28 -18.75 -9.39 -16.35
N THR A 29 -18.57 -9.20 -17.64
CA THR A 29 -19.68 -9.30 -18.61
C THR A 29 -20.35 -10.71 -18.59
N ASP A 30 -19.66 -11.74 -18.11
CA ASP A 30 -20.17 -13.12 -18.15
C ASP A 30 -21.18 -13.33 -17.06
N THR A 31 -22.46 -13.38 -17.45
CA THR A 31 -23.59 -13.47 -16.48
C THR A 31 -23.59 -14.79 -15.74
N SER A 32 -22.85 -15.78 -16.24
CA SER A 32 -22.80 -17.09 -15.57
C SER A 32 -22.00 -16.99 -14.26
N LEU A 33 -21.26 -15.90 -14.05
CA LEU A 33 -20.59 -15.65 -12.75
C LEU A 33 -21.61 -15.27 -11.67
N GLU A 34 -22.81 -14.82 -12.05
CA GLU A 34 -23.85 -14.39 -11.10
C GLU A 34 -24.39 -15.63 -10.41
N GLY A 35 -24.70 -15.49 -9.15
CA GLY A 35 -25.29 -16.59 -8.38
C GLY A 35 -24.79 -16.59 -6.98
N SER A 36 -24.93 -17.74 -6.32
CA SER A 36 -24.55 -17.93 -4.90
C SER A 36 -23.17 -18.56 -4.72
N TYR A 37 -22.44 -18.06 -3.72
CA TYR A 37 -21.10 -18.47 -3.35
C TYR A 37 -21.05 -18.63 -1.84
N ASP A 38 -19.99 -19.27 -1.38
CA ASP A 38 -19.77 -19.29 0.04
C ASP A 38 -19.16 -17.93 0.49
N TYR A 39 -18.23 -17.41 -0.28
CA TYR A 39 -17.55 -16.14 0.03
C TYR A 39 -17.46 -15.25 -1.20
N ILE A 40 -17.65 -13.93 -0.99
CA ILE A 40 -17.38 -12.90 -2.02
C ILE A 40 -16.37 -11.95 -1.42
N VAL A 41 -15.25 -11.79 -2.12
CA VAL A 41 -14.18 -10.85 -1.72
C VAL A 41 -14.22 -9.69 -2.72
N ILE A 42 -14.34 -8.47 -2.19
CA ILE A 42 -14.42 -7.22 -2.99
C ILE A 42 -13.05 -6.56 -3.02
N GLY A 43 -12.39 -6.64 -4.19
CA GLY A 43 -11.07 -6.02 -4.36
C GLY A 43 -9.98 -7.07 -4.42
N GLY A 44 -9.48 -7.29 -5.63
CA GLY A 44 -8.41 -8.28 -5.86
C GLY A 44 -7.05 -7.69 -5.64
N GLY A 45 -6.78 -7.18 -4.44
CA GLY A 45 -5.55 -6.45 -4.14
C GLY A 45 -4.63 -7.20 -3.18
N THR A 46 -3.88 -6.44 -2.40
CA THR A 46 -2.79 -6.93 -1.55
C THR A 46 -3.36 -7.97 -0.54
N SER A 47 -4.41 -7.61 0.18
CA SER A 47 -5.07 -8.53 1.13
C SER A 47 -6.05 -9.44 0.39
N GLY A 48 -6.77 -8.89 -0.59
CA GLY A 48 -7.89 -9.63 -1.19
C GLY A 48 -7.47 -10.87 -1.93
N CYS A 49 -6.34 -10.83 -2.65
CA CYS A 49 -5.92 -12.04 -3.41
C CYS A 49 -5.59 -13.20 -2.46
N PRO A 50 -4.73 -13.02 -1.43
CA PRO A 50 -4.42 -14.14 -0.58
C PRO A 50 -5.62 -14.61 0.24
N LEU A 51 -6.49 -13.68 0.59
CA LEU A 51 -7.73 -14.01 1.30
C LEU A 51 -8.59 -14.92 0.42
N ALA A 52 -8.84 -14.53 -0.81
CA ALA A 52 -9.66 -15.34 -1.70
C ALA A 52 -9.00 -16.70 -1.93
N ALA A 53 -7.72 -16.73 -2.20
CA ALA A 53 -7.01 -18.01 -2.44
C ALA A 53 -7.18 -18.94 -1.23
N THR A 54 -7.01 -18.40 -0.02
CA THR A 54 -7.10 -19.15 1.23
C THR A 54 -8.52 -19.69 1.41
N LEU A 55 -9.56 -18.87 1.24
CA LEU A 55 -10.93 -19.37 1.46
C LEU A 55 -11.25 -20.47 0.42
N SER A 56 -10.71 -20.38 -0.76
CA SER A 56 -11.01 -21.33 -1.86
C SER A 56 -10.44 -22.72 -1.57
N GLU A 57 -9.61 -22.87 -0.53
CA GLU A 57 -9.08 -24.21 -0.16
C GLU A 57 -10.26 -25.11 0.18
N LYS A 58 -11.34 -24.55 0.72
CA LYS A 58 -12.48 -25.35 1.22
C LYS A 58 -13.79 -24.94 0.57
N TYR A 59 -13.95 -23.68 0.19
CA TYR A 59 -15.27 -23.12 -0.15
C TYR A 59 -15.24 -22.43 -1.51
N LYS A 60 -16.44 -22.20 -2.03
CA LYS A 60 -16.59 -21.54 -3.35
C LYS A 60 -16.49 -20.03 -3.16
N VAL A 61 -15.56 -19.42 -3.89
CA VAL A 61 -15.19 -17.99 -3.71
C VAL A 61 -15.37 -17.27 -5.05
N LEU A 62 -15.93 -16.05 -4.96
CA LEU A 62 -15.95 -15.10 -6.08
C LEU A 62 -15.11 -13.90 -5.61
N LEU A 63 -14.07 -13.62 -6.36
CA LEU A 63 -13.23 -12.40 -6.14
C LEU A 63 -13.60 -11.40 -7.22
N LEU A 64 -13.96 -10.17 -6.81
CA LEU A 64 -14.39 -9.15 -7.79
C LEU A 64 -13.36 -8.00 -7.78
N GLU A 65 -12.79 -7.71 -8.94
CA GLU A 65 -11.76 -6.65 -9.09
C GLU A 65 -12.22 -5.68 -10.16
N ARG A 66 -12.17 -4.37 -9.89
CA ARG A 66 -12.59 -3.35 -10.85
C ARG A 66 -11.58 -3.16 -11.98
N GLY A 67 -10.29 -3.44 -11.75
CA GLY A 67 -9.29 -3.29 -12.84
C GLY A 67 -9.21 -4.54 -13.69
N THR A 68 -8.34 -4.48 -14.68
CA THR A 68 -8.10 -5.61 -15.59
C THR A 68 -6.90 -6.42 -15.11
N ILE A 69 -6.41 -7.31 -15.96
CA ILE A 69 -5.24 -8.18 -15.63
C ILE A 69 -3.95 -7.45 -16.00
N ALA A 70 -2.85 -7.71 -15.26
CA ALA A 70 -1.59 -6.95 -15.41
C ALA A 70 -0.91 -7.21 -16.75
N THR A 71 -1.22 -8.31 -17.45
CA THR A 71 -0.65 -8.56 -18.78
C THR A 71 -1.02 -7.43 -19.72
N GLU A 72 -2.09 -6.68 -19.44
CA GLU A 72 -2.56 -5.60 -20.35
C GLU A 72 -1.64 -4.39 -20.29
N TYR A 73 -0.82 -4.29 -19.25
CA TYR A 73 0.07 -3.15 -18.96
C TYR A 73 1.45 -3.70 -18.61
N PRO A 74 2.22 -4.12 -19.62
CA PRO A 74 3.47 -4.84 -19.36
C PRO A 74 4.51 -4.12 -18.53
N ASN A 75 4.45 -2.80 -18.46
CA ASN A 75 5.42 -2.02 -17.63
C ASN A 75 5.10 -2.19 -16.15
N THR A 76 3.97 -2.79 -15.78
CA THR A 76 3.78 -3.19 -14.35
C THR A 76 4.59 -4.43 -13.99
N LEU A 77 5.23 -5.13 -14.94
CA LEU A 77 5.79 -6.47 -14.65
C LEU A 77 7.32 -6.45 -14.48
N THR A 78 7.93 -5.28 -14.54
CA THR A 78 9.40 -5.12 -14.41
C THR A 78 9.69 -4.04 -13.39
N ALA A 79 10.81 -4.17 -12.70
CA ALA A 79 11.37 -3.08 -11.88
C ALA A 79 11.56 -1.82 -12.74
N ASP A 80 12.03 -1.99 -13.98
CA ASP A 80 12.39 -0.85 -14.82
C ASP A 80 11.16 -0.02 -15.24
N GLY A 81 9.99 -0.60 -15.09
CA GLY A 81 8.70 0.01 -15.48
C GLY A 81 8.07 0.86 -14.40
N PHE A 82 8.66 1.00 -13.22
CA PHE A 82 8.02 1.64 -12.04
C PHE A 82 7.56 3.05 -12.40
N ALA A 83 8.48 3.89 -12.89
CA ALA A 83 8.12 5.29 -13.13
C ALA A 83 7.12 5.37 -14.28
N TYR A 84 7.27 4.52 -15.26
CA TYR A 84 6.38 4.53 -16.46
C TYR A 84 4.91 4.50 -16.04
N ASN A 85 4.53 3.61 -15.08
CA ASN A 85 3.10 3.44 -14.71
C ASN A 85 2.61 4.74 -14.11
N LEU A 86 3.43 5.45 -13.33
CA LEU A 86 3.04 6.72 -12.71
C LEU A 86 2.98 7.83 -13.75
N GLN A 87 3.82 7.71 -14.81
CA GLN A 87 3.91 8.75 -15.86
C GLN A 87 2.66 8.68 -16.78
N GLN A 88 2.08 7.50 -16.92
CA GLN A 88 0.95 7.25 -17.86
C GLN A 88 -0.26 8.06 -17.42
N GLN A 89 -0.91 8.71 -18.38
CA GLN A 89 -2.17 9.43 -18.13
C GLN A 89 -3.25 8.45 -17.65
N ASP A 90 -4.06 8.88 -16.70
CA ASP A 90 -5.13 8.10 -16.13
C ASP A 90 -6.32 8.26 -17.04
N ASP A 91 -6.61 7.21 -17.82
CA ASP A 91 -7.79 7.22 -18.70
C ASP A 91 -8.98 6.47 -18.14
N GLY A 92 -8.95 6.17 -16.82
CA GLY A 92 -10.01 5.37 -16.16
C GLY A 92 -9.83 3.86 -16.26
N LYS A 93 -8.90 3.34 -17.04
CA LYS A 93 -8.68 1.90 -17.27
C LYS A 93 -7.26 1.50 -16.82
N THR A 94 -6.36 2.48 -16.70
CA THR A 94 -4.96 2.20 -16.39
C THR A 94 -4.76 1.67 -14.98
N PRO A 95 -3.61 1.05 -14.69
CA PRO A 95 -3.40 0.43 -13.38
C PRO A 95 -3.15 1.43 -12.26
N VAL A 96 -2.79 2.65 -12.63
CA VAL A 96 -2.58 3.75 -11.65
C VAL A 96 -3.77 4.71 -11.80
N GLU A 97 -4.46 4.89 -10.70
CA GLU A 97 -5.54 5.89 -10.58
C GLU A 97 -4.96 7.09 -9.83
N ARG A 98 -4.99 8.25 -10.49
CA ARG A 98 -4.48 9.49 -9.87
C ARG A 98 -5.52 10.09 -8.93
N PHE A 99 -5.04 10.71 -7.86
CA PHE A 99 -5.92 11.59 -7.06
C PHE A 99 -5.10 12.64 -6.37
N VAL A 100 -5.80 13.65 -5.89
CA VAL A 100 -5.15 14.75 -5.13
C VAL A 100 -5.90 14.83 -3.83
N SER A 101 -5.21 14.74 -2.71
CA SER A 101 -5.88 14.91 -1.41
C SER A 101 -6.37 16.36 -1.31
N GLU A 102 -7.32 16.58 -0.42
CA GLU A 102 -7.81 17.96 -0.16
C GLU A 102 -6.69 18.83 0.43
N ASP A 103 -5.63 18.26 0.96
CA ASP A 103 -4.48 19.02 1.36
C ASP A 103 -3.70 19.62 0.19
N GLY A 104 -3.88 19.09 -1.01
CA GLY A 104 -3.18 19.49 -2.25
C GLY A 104 -2.02 18.58 -2.65
N ILE A 105 -1.91 17.39 -2.05
CA ILE A 105 -0.75 16.51 -2.32
C ILE A 105 -1.16 15.43 -3.33
N ASP A 106 -0.48 15.39 -4.46
CA ASP A 106 -0.79 14.41 -5.50
C ASP A 106 -0.50 12.97 -4.96
N ASN A 107 -1.27 11.99 -5.45
CA ASN A 107 -1.22 10.62 -4.89
C ASN A 107 -1.77 9.67 -5.94
N VAL A 108 -1.64 8.38 -5.65
CA VAL A 108 -2.15 7.33 -6.57
C VAL A 108 -2.66 6.14 -5.74
N ARG A 109 -3.53 5.36 -6.37
CA ARG A 109 -3.92 4.03 -5.88
C ARG A 109 -3.98 3.11 -7.10
N ALA A 110 -3.96 1.82 -6.84
CA ALA A 110 -4.00 0.82 -7.93
C ALA A 110 -5.42 0.53 -8.39
N ARG A 111 -5.48 0.09 -9.63
CA ARG A 111 -6.73 -0.31 -10.32
C ARG A 111 -6.37 -1.47 -11.25
N ILE A 112 -6.14 -2.63 -10.64
CA ILE A 112 -5.59 -3.80 -11.40
C ILE A 112 -5.67 -5.03 -10.50
N LEU A 113 -5.77 -6.22 -11.10
CA LEU A 113 -5.77 -7.48 -10.34
C LEU A 113 -4.34 -7.71 -9.80
N GLY A 114 -4.24 -7.76 -8.48
CA GLY A 114 -2.99 -7.74 -7.73
C GLY A 114 -2.93 -6.45 -6.95
N GLY A 115 -3.79 -5.47 -7.25
CA GLY A 115 -3.80 -4.25 -6.42
C GLY A 115 -2.48 -3.52 -6.40
N THR A 116 -2.16 -2.90 -5.26
CA THR A 116 -1.05 -1.94 -5.24
C THR A 116 0.29 -2.70 -5.33
N THR A 117 0.28 -4.01 -5.09
CA THR A 117 1.51 -4.84 -5.28
C THR A 117 1.96 -4.86 -6.74
N ILE A 118 1.08 -4.49 -7.67
CA ILE A 118 1.43 -4.49 -9.11
C ILE A 118 2.10 -3.17 -9.51
N ILE A 119 2.04 -2.11 -8.69
CA ILE A 119 2.53 -0.75 -9.07
C ILE A 119 3.53 -0.20 -8.07
N ASN A 120 3.84 -0.95 -7.01
CA ASN A 120 4.57 -0.36 -5.87
C ASN A 120 6.07 -0.47 -6.07
N ALA A 121 6.83 -0.06 -5.06
CA ALA A 121 8.30 0.03 -5.16
C ALA A 121 8.95 -1.27 -4.67
N GLY A 122 8.16 -2.33 -4.42
CA GLY A 122 8.67 -3.70 -4.21
C GLY A 122 9.21 -4.02 -2.85
N VAL A 123 9.34 -3.06 -1.94
CA VAL A 123 10.09 -3.30 -0.66
C VAL A 123 9.29 -4.27 0.19
N TYR A 124 9.93 -5.30 0.73
CA TYR A 124 9.25 -6.33 1.52
C TYR A 124 9.84 -6.40 2.92
N ALA A 125 8.96 -6.28 3.90
CA ALA A 125 9.28 -6.34 5.34
C ALA A 125 8.14 -7.01 6.10
N ARG A 126 8.50 -7.73 7.14
CA ARG A 126 7.56 -8.21 8.16
C ARG A 126 7.28 -7.10 9.17
N ALA A 127 6.12 -7.18 9.82
CA ALA A 127 5.73 -6.19 10.83
C ALA A 127 6.72 -6.15 11.99
N ASN A 128 6.91 -4.96 12.53
CA ASN A 128 7.56 -4.77 13.84
C ASN A 128 6.96 -5.80 14.79
N ILE A 129 7.78 -6.55 15.51
CA ILE A 129 7.21 -7.62 16.39
C ILE A 129 6.42 -7.01 17.55
N SER A 130 6.62 -5.75 17.91
CA SER A 130 5.85 -5.03 18.97
C SER A 130 4.44 -4.67 18.49
N PHE A 131 4.23 -4.68 17.18
CA PHE A 131 2.90 -4.28 16.62
C PHE A 131 1.78 -5.16 17.18
N TYR A 132 1.98 -6.48 17.23
CA TYR A 132 0.92 -7.44 17.60
C TYR A 132 0.39 -7.09 19.00
N SER A 133 1.27 -6.92 19.97
CA SER A 133 0.80 -6.62 21.33
C SER A 133 0.25 -5.18 21.40
N GLN A 134 0.79 -4.21 20.65
CA GLN A 134 0.24 -2.83 20.61
C GLN A 134 -1.23 -2.88 20.18
N THR A 135 -1.62 -3.74 19.26
CA THR A 135 -3.01 -3.76 18.76
C THR A 135 -3.95 -4.27 19.86
N GLY A 136 -3.41 -5.13 20.72
CA GLY A 136 -4.25 -5.87 21.69
C GLY A 136 -5.07 -6.99 21.08
N ILE A 137 -4.94 -7.26 19.78
CA ILE A 137 -5.64 -8.39 19.12
C ILE A 137 -5.00 -9.67 19.66
N GLU A 138 -5.78 -10.74 19.89
CA GLU A 138 -5.15 -12.03 20.31
C GLU A 138 -4.63 -12.78 19.09
N TRP A 139 -3.51 -12.31 18.54
CA TRP A 139 -2.91 -12.95 17.37
C TRP A 139 -2.43 -14.37 17.71
N ASP A 140 -2.56 -15.26 16.74
CA ASP A 140 -1.84 -16.52 16.76
C ASP A 140 -0.51 -16.30 16.08
N LEU A 141 0.51 -16.03 16.91
CA LEU A 141 1.82 -15.56 16.40
C LEU A 141 2.55 -16.65 15.61
N ASP A 142 2.41 -17.93 15.97
CA ASP A 142 3.02 -18.96 15.21
C ASP A 142 2.40 -18.97 13.82
N LEU A 143 1.09 -18.83 13.76
CA LEU A 143 0.38 -18.87 12.45
C LEU A 143 0.76 -17.63 11.62
N VAL A 144 0.86 -16.45 12.24
CA VAL A 144 1.39 -15.22 11.55
C VAL A 144 2.68 -15.60 10.83
N ASN A 145 3.63 -16.19 11.53
CA ASN A 145 4.94 -16.49 10.94
C ASN A 145 4.81 -17.52 9.81
N LYS A 146 4.00 -18.57 9.98
CA LYS A 146 3.81 -19.55 8.89
C LYS A 146 3.25 -18.81 7.66
N THR A 147 2.41 -17.83 7.93
CA THR A 147 1.68 -17.13 6.85
C THR A 147 2.70 -16.23 6.10
N TYR A 148 3.57 -15.50 6.80
CA TYR A 148 4.67 -14.74 6.13
C TYR A 148 5.46 -15.69 5.24
N GLU A 149 5.75 -16.91 5.72
CA GLU A 149 6.56 -17.86 4.93
C GLU A 149 5.79 -18.28 3.69
N TRP A 150 4.47 -18.48 3.81
CA TRP A 150 3.62 -18.84 2.66
C TRP A 150 3.62 -17.74 1.58
N VAL A 151 3.63 -16.47 1.98
CA VAL A 151 3.75 -15.36 1.02
C VAL A 151 5.17 -15.36 0.42
N GLU A 152 6.18 -15.47 1.26
CA GLU A 152 7.59 -15.25 0.87
C GLU A 152 8.07 -16.36 -0.06
N ASP A 153 7.55 -17.56 0.12
CA ASP A 153 7.89 -18.67 -0.78
C ASP A 153 7.48 -18.42 -2.20
N ALA A 154 6.42 -17.62 -2.42
CA ALA A 154 5.91 -17.37 -3.76
C ALA A 154 6.55 -16.15 -4.38
N ILE A 155 6.76 -15.06 -3.63
CA ILE A 155 6.99 -13.74 -4.28
C ILE A 155 8.14 -12.90 -3.70
N VAL A 156 8.86 -13.35 -2.68
CA VAL A 156 9.93 -12.54 -2.01
C VAL A 156 11.31 -13.15 -2.26
N VAL A 157 12.28 -12.31 -2.67
CA VAL A 157 13.70 -12.75 -2.81
C VAL A 157 14.59 -12.00 -1.84
N LYS A 158 15.75 -12.58 -1.57
CA LYS A 158 16.89 -11.82 -1.03
C LYS A 158 17.52 -11.06 -2.19
N PRO A 159 17.50 -9.70 -2.18
CA PRO A 159 18.06 -8.92 -3.28
C PRO A 159 19.57 -9.14 -3.45
N ASN A 160 20.00 -9.11 -4.70
CA ASN A 160 21.43 -8.99 -5.05
C ASN A 160 21.92 -7.58 -4.65
N ASN A 161 23.23 -7.46 -4.61
CA ASN A 161 23.91 -6.16 -4.37
C ASN A 161 23.53 -5.18 -5.48
N GLN A 162 23.26 -3.94 -5.08
CA GLN A 162 23.08 -2.80 -6.00
C GLN A 162 23.98 -1.69 -5.48
N SER A 163 24.81 -1.11 -6.33
CA SER A 163 25.85 -0.14 -5.89
C SER A 163 25.24 0.99 -5.07
N TRP A 164 24.16 1.62 -5.54
CA TRP A 164 23.60 2.79 -4.81
C TRP A 164 23.02 2.34 -3.46
N GLN A 165 22.33 1.20 -3.41
CA GLN A 165 21.78 0.73 -2.13
C GLN A 165 22.92 0.44 -1.13
N SER A 166 24.05 -0.06 -1.59
CA SER A 166 25.23 -0.31 -0.73
C SER A 166 25.82 1.01 -0.24
N VAL A 167 25.91 2.01 -1.09
CA VAL A 167 26.40 3.35 -0.68
C VAL A 167 25.51 3.89 0.44
N ILE A 168 24.19 3.84 0.22
CA ILE A 168 23.26 4.43 1.21
C ILE A 168 23.36 3.64 2.52
N GLY A 169 23.52 2.33 2.46
CA GLY A 169 23.61 1.54 3.70
C GLY A 169 24.89 1.90 4.45
N GLU A 170 25.98 2.07 3.72
CA GLU A 170 27.25 2.50 4.40
C GLU A 170 27.03 3.87 5.01
N GLY A 171 26.32 4.77 4.33
CA GLY A 171 26.00 6.11 4.83
C GLY A 171 25.13 6.06 6.07
N PHE A 172 24.07 5.23 6.06
CA PHE A 172 23.18 5.11 7.23
C PHE A 172 23.99 4.68 8.45
N LEU A 173 24.87 3.71 8.27
CA LEU A 173 25.69 3.17 9.40
C LEU A 173 26.64 4.26 9.87
N GLU A 174 27.31 4.90 8.94
CA GLU A 174 28.26 5.97 9.32
C GLU A 174 27.52 7.07 10.05
N ALA A 175 26.26 7.35 9.70
CA ALA A 175 25.50 8.46 10.26
C ALA A 175 24.92 8.05 11.61
N GLY A 176 25.08 6.79 12.03
CA GLY A 176 24.71 6.35 13.38
C GLY A 176 23.43 5.53 13.41
N ILE A 177 22.91 5.08 12.26
CA ILE A 177 21.64 4.29 12.25
C ILE A 177 22.03 2.83 12.45
N LEU A 178 22.28 2.50 13.71
CA LEU A 178 22.93 1.27 14.19
C LEU A 178 21.87 0.42 14.90
N PRO A 179 22.07 -0.89 14.99
CA PRO A 179 23.25 -1.58 14.47
C PRO A 179 23.12 -2.00 13.00
N ASP A 180 24.11 -2.70 12.49
CA ASP A 180 24.08 -3.27 11.17
C ASP A 180 23.41 -4.60 11.31
N ASN A 181 22.22 -4.72 10.74
CA ASN A 181 21.40 -5.95 10.83
C ASN A 181 21.65 -6.88 9.63
N GLY A 182 22.54 -6.54 8.71
CA GLY A 182 22.79 -7.43 7.58
C GLY A 182 21.55 -7.63 6.74
N PHE A 183 21.34 -8.82 6.18
CA PHE A 183 20.09 -9.16 5.47
C PHE A 183 19.06 -9.65 6.48
N SER A 184 17.92 -8.97 6.56
CA SER A 184 16.85 -9.32 7.50
C SER A 184 15.51 -8.84 6.95
N LEU A 185 14.47 -9.66 7.11
CA LEU A 185 13.10 -9.27 6.72
C LEU A 185 12.44 -8.43 7.80
N ASP A 186 13.02 -8.37 9.00
CA ASP A 186 12.40 -7.78 10.14
C ASP A 186 12.59 -6.29 10.31
N HIS A 187 11.49 -5.62 10.64
CA HIS A 187 11.49 -4.19 11.03
C HIS A 187 12.09 -4.04 12.42
N GLU A 188 13.37 -3.67 12.47
CA GLU A 188 14.14 -3.46 13.72
C GLU A 188 15.00 -2.23 13.53
N ALA A 189 15.24 -1.50 14.62
CA ALA A 189 16.17 -0.38 14.60
C ALA A 189 17.49 -0.81 13.99
N GLY A 190 18.06 0.06 13.17
CA GLY A 190 19.36 -0.11 12.52
C GLY A 190 19.24 -0.15 11.00
N THR A 191 20.31 -0.52 10.35
CA THR A 191 20.45 -0.53 8.87
C THR A 191 20.43 -1.96 8.39
N ARG A 192 19.70 -2.25 7.32
CA ARG A 192 19.62 -3.61 6.81
C ARG A 192 19.33 -3.61 5.33
N LEU A 193 19.65 -4.74 4.70
CA LEU A 193 19.10 -5.17 3.40
C LEU A 193 17.82 -5.95 3.73
N THR A 194 16.67 -5.56 3.15
CA THR A 194 15.39 -6.25 3.40
C THR A 194 15.04 -7.06 2.13
N GLY A 195 13.91 -7.74 2.14
CA GLY A 195 13.45 -8.47 0.95
C GLY A 195 12.87 -7.56 -0.11
N SER A 196 12.65 -8.12 -1.28
CA SER A 196 11.95 -7.41 -2.38
C SER A 196 11.00 -8.34 -3.09
N THR A 197 9.93 -7.76 -3.61
CA THR A 197 9.02 -8.48 -4.52
C THR A 197 9.43 -8.28 -5.97
N PHE A 198 10.51 -7.55 -6.25
CA PHE A 198 11.18 -7.68 -7.56
C PHE A 198 12.24 -8.76 -7.43
N ASP A 199 12.25 -9.72 -8.37
CA ASP A 199 13.33 -10.72 -8.32
C ASP A 199 14.64 -10.11 -8.89
N ASN A 200 15.71 -10.91 -8.81
CA ASN A 200 17.07 -10.46 -9.16
C ASN A 200 17.23 -10.32 -10.67
N ASN A 201 16.20 -10.66 -11.44
CA ASN A 201 16.18 -10.47 -12.88
C ASN A 201 15.33 -9.24 -13.20
N GLY A 202 14.84 -8.55 -12.18
CA GLY A 202 13.97 -7.38 -12.39
C GLY A 202 12.51 -7.75 -12.63
N THR A 203 12.12 -9.01 -12.51
CA THR A 203 10.68 -9.37 -12.72
C THR A 203 9.89 -9.00 -11.48
N ARG A 204 8.77 -8.31 -11.65
CA ARG A 204 7.87 -8.03 -10.53
C ARG A 204 7.02 -9.25 -10.16
N HIS A 205 7.03 -9.62 -8.89
CA HIS A 205 6.12 -10.63 -8.33
C HIS A 205 5.12 -9.88 -7.47
N ALA A 206 3.93 -10.40 -7.30
CA ALA A 206 2.85 -9.63 -6.68
C ALA A 206 1.75 -10.53 -6.10
N ALA A 207 0.76 -9.88 -5.49
CA ALA A 207 -0.34 -10.54 -4.79
C ALA A 207 -1.14 -11.42 -5.77
N ASP A 208 -1.25 -11.05 -7.04
CA ASP A 208 -1.99 -11.86 -7.98
C ASP A 208 -1.45 -13.29 -8.03
N GLU A 209 -0.13 -13.45 -7.91
CA GLU A 209 0.49 -14.81 -7.96
C GLU A 209 0.02 -15.65 -6.78
N LEU A 210 -0.46 -15.07 -5.68
CA LEU A 210 -0.93 -15.88 -4.54
C LEU A 210 -2.26 -16.55 -4.94
N LEU A 211 -2.92 -16.06 -6.00
CA LEU A 211 -4.12 -16.74 -6.53
C LEU A 211 -3.73 -18.13 -7.00
N ASN A 212 -2.48 -18.36 -7.40
CA ASN A 212 -2.00 -19.69 -7.83
C ASN A 212 -2.08 -20.69 -6.70
N LYS A 213 -2.09 -20.26 -5.45
CA LYS A 213 -2.27 -21.17 -4.31
C LYS A 213 -3.75 -21.46 -4.04
N GLY A 214 -4.68 -20.83 -4.77
CA GLY A 214 -6.11 -21.16 -4.59
C GLY A 214 -6.44 -22.48 -5.25
N ASP A 215 -7.60 -23.02 -4.94
CA ASP A 215 -8.05 -24.28 -5.57
C ASP A 215 -8.77 -23.85 -6.83
N PRO A 216 -8.32 -24.29 -8.01
CA PRO A 216 -8.90 -23.83 -9.27
C PRO A 216 -10.30 -24.38 -9.51
N ASN A 217 -10.75 -25.32 -8.70
CA ASN A 217 -12.12 -25.86 -8.79
C ASN A 217 -13.08 -25.00 -7.97
N ASN A 218 -12.55 -24.12 -7.10
CA ASN A 218 -13.39 -23.41 -6.11
C ASN A 218 -13.32 -21.88 -6.24
N LEU A 219 -12.30 -21.37 -6.91
CA LEU A 219 -12.03 -19.90 -6.98
C LEU A 219 -12.41 -19.41 -8.36
N LEU A 220 -13.24 -18.37 -8.42
CA LEU A 220 -13.52 -17.63 -9.64
C LEU A 220 -13.18 -16.16 -9.39
N VAL A 221 -12.60 -15.55 -10.41
CA VAL A 221 -12.20 -14.11 -10.39
C VAL A 221 -12.89 -13.42 -11.54
N ALA A 222 -13.62 -12.35 -11.23
CA ALA A 222 -14.19 -11.46 -12.26
C ALA A 222 -13.38 -10.17 -12.27
N VAL A 223 -12.87 -9.85 -13.44
CA VAL A 223 -12.15 -8.55 -13.65
C VAL A 223 -13.03 -7.55 -14.40
N GLN A 224 -12.65 -6.28 -14.31
CA GLN A 224 -13.51 -5.13 -14.70
C GLN A 224 -14.90 -5.33 -14.09
N ALA A 225 -14.91 -5.66 -12.79
CA ALA A 225 -16.11 -5.79 -11.94
C ALA A 225 -16.10 -4.62 -10.96
N SER A 226 -16.93 -3.60 -11.21
CA SER A 226 -17.02 -2.41 -10.35
C SER A 226 -18.10 -2.68 -9.31
N VAL A 227 -17.73 -3.02 -8.08
CA VAL A 227 -18.71 -3.33 -7.03
C VAL A 227 -19.29 -2.01 -6.51
N GLU A 228 -20.58 -1.79 -6.72
CA GLU A 228 -21.20 -0.50 -6.37
C GLU A 228 -22.03 -0.55 -5.10
N LYS A 229 -22.44 -1.72 -4.63
CA LYS A 229 -23.26 -1.78 -3.42
C LYS A 229 -23.13 -3.12 -2.73
N ILE A 230 -23.06 -3.10 -1.41
CA ILE A 230 -23.29 -4.31 -0.61
C ILE A 230 -24.81 -4.44 -0.37
N LEU A 231 -25.34 -5.64 -0.59
CA LEU A 231 -26.75 -5.96 -0.35
C LEU A 231 -26.91 -6.57 1.04
N PHE A 232 -27.99 -6.24 1.74
CA PHE A 232 -28.29 -6.71 3.09
C PHE A 232 -29.65 -7.38 3.17
N SER A 233 -29.80 -8.19 4.20
CA SER A 233 -31.08 -8.80 4.58
C SER A 233 -32.05 -7.65 4.92
N ASN A 238 -32.24 -9.96 12.08
CA ASN A 238 -30.78 -9.80 12.36
C ASN A 238 -30.05 -9.39 11.07
N LEU A 239 -29.52 -8.17 11.08
CA LEU A 239 -28.94 -7.56 9.88
C LEU A 239 -27.72 -8.32 9.39
N SER A 240 -27.74 -8.74 8.12
CA SER A 240 -26.64 -9.54 7.56
C SER A 240 -26.33 -9.01 6.18
N ALA A 241 -25.06 -9.02 5.77
CA ALA A 241 -24.73 -8.85 4.36
C ALA A 241 -25.17 -10.14 3.67
N ILE A 242 -25.73 -10.02 2.47
CA ILE A 242 -26.14 -11.18 1.66
C ILE A 242 -25.48 -11.19 0.29
N GLY A 243 -24.86 -10.10 -0.20
CA GLY A 243 -24.44 -10.10 -1.59
C GLY A 243 -23.93 -8.76 -2.02
N VAL A 244 -23.81 -8.60 -3.34
CA VAL A 244 -23.27 -7.36 -3.93
C VAL A 244 -23.94 -7.11 -5.26
N ILE A 245 -23.93 -5.86 -5.68
CA ILE A 245 -24.19 -5.45 -7.07
C ILE A 245 -22.87 -4.99 -7.68
N TYR A 246 -22.56 -5.47 -8.87
CA TYR A 246 -21.39 -4.98 -9.60
C TYR A 246 -21.76 -4.72 -11.04
N THR A 247 -21.08 -3.77 -11.68
CA THR A 247 -21.25 -3.51 -13.10
C THR A 247 -20.02 -3.94 -13.88
N ASP A 248 -20.23 -4.25 -15.16
CA ASP A 248 -19.15 -4.62 -16.02
C ASP A 248 -18.68 -3.44 -16.87
N SER A 249 -17.74 -3.70 -17.78
CA SER A 249 -17.05 -2.64 -18.56
C SER A 249 -18.02 -2.07 -19.59
N ASP A 250 -19.08 -2.80 -19.94
CA ASP A 250 -20.13 -2.27 -20.81
C ASP A 250 -21.17 -1.47 -20.05
N GLY A 251 -21.12 -1.48 -18.70
CA GLY A 251 -22.09 -0.76 -17.87
C GLY A 251 -23.25 -1.57 -17.34
N ASN A 252 -23.38 -2.82 -17.76
CA ASN A 252 -24.53 -3.64 -17.30
C ASN A 252 -24.29 -4.12 -15.87
N SER A 253 -25.39 -4.29 -15.11
CA SER A 253 -25.36 -4.70 -13.71
C SER A 253 -25.48 -6.22 -13.57
N HIS A 254 -24.97 -6.69 -12.44
CA HIS A 254 -24.89 -8.11 -12.06
C HIS A 254 -25.03 -8.21 -10.57
N GLN A 255 -25.55 -9.35 -10.11
CA GLN A 255 -25.67 -9.61 -8.69
C GLN A 255 -24.96 -10.92 -8.37
N ALA A 256 -24.36 -10.98 -7.17
CA ALA A 256 -23.93 -12.28 -6.61
C ALA A 256 -24.19 -12.29 -5.11
N PHE A 257 -24.40 -13.46 -4.55
CA PHE A 257 -24.82 -13.62 -3.14
C PHE A 257 -23.93 -14.62 -2.43
N VAL A 258 -23.89 -14.52 -1.11
CA VAL A 258 -23.34 -15.60 -0.25
C VAL A 258 -24.50 -16.43 0.24
N ARG A 259 -24.17 -17.62 0.72
CA ARG A 259 -25.15 -18.63 1.17
C ARG A 259 -24.76 -19.14 2.56
N GLY A 260 -25.74 -19.63 3.34
CA GLY A 260 -25.44 -20.36 4.58
C GLY A 260 -24.61 -19.53 5.51
N ASN A 261 -23.52 -20.12 5.98
CA ASN A 261 -22.65 -19.47 6.98
C ASN A 261 -21.54 -18.67 6.27
N GLY A 262 -21.70 -18.35 4.99
CA GLY A 262 -20.69 -17.63 4.19
C GLY A 262 -20.72 -16.13 4.44
N GLU A 263 -19.77 -15.42 3.81
CA GLU A 263 -19.54 -14.00 4.20
C GLU A 263 -19.05 -13.21 3.00
N VAL A 264 -19.30 -11.91 3.06
CA VAL A 264 -18.77 -10.89 2.15
C VAL A 264 -17.60 -10.27 2.90
N ILE A 265 -16.47 -10.14 2.23
CA ILE A 265 -15.32 -9.38 2.77
C ILE A 265 -14.96 -8.26 1.81
N VAL A 266 -14.82 -7.07 2.37
CA VAL A 266 -14.42 -5.88 1.61
C VAL A 266 -12.91 -5.77 1.75
N SER A 267 -12.20 -5.75 0.63
CA SER A 267 -10.73 -5.66 0.56
C SER A 267 -10.38 -4.58 -0.49
N ALA A 268 -11.18 -3.53 -0.55
CA ALA A 268 -11.12 -2.47 -1.59
C ALA A 268 -10.14 -1.32 -1.23
N GLY A 269 -9.36 -1.45 -0.15
CA GLY A 269 -8.29 -0.49 0.17
C GLY A 269 -8.79 0.60 1.14
N THR A 270 -7.83 1.38 1.62
CA THR A 270 -8.09 2.57 2.45
C THR A 270 -9.16 3.48 1.83
N ILE A 271 -9.10 3.64 0.51
CA ILE A 271 -10.07 4.53 -0.20
C ILE A 271 -11.34 3.77 -0.54
N GLY A 272 -11.18 2.60 -1.17
CA GLY A 272 -12.32 1.87 -1.72
C GLY A 272 -13.23 1.30 -0.67
N THR A 273 -12.70 0.79 0.44
CA THR A 273 -13.56 0.13 1.45
C THR A 273 -14.51 1.15 2.10
N PRO A 274 -14.06 2.26 2.67
CA PRO A 274 -14.98 3.21 3.28
C PRO A 274 -15.96 3.76 2.23
N GLN A 275 -15.48 4.05 1.03
CA GLN A 275 -16.39 4.52 -0.04
C GLN A 275 -17.54 3.52 -0.18
N LEU A 276 -17.26 2.23 -0.32
CA LEU A 276 -18.31 1.24 -0.61
C LEU A 276 -19.21 1.09 0.62
N LEU A 277 -18.67 1.10 1.84
CA LEU A 277 -19.52 1.02 3.03
C LEU A 277 -20.47 2.24 3.03
N LEU A 278 -19.95 3.44 2.81
CA LEU A 278 -20.81 4.65 2.85
C LEU A 278 -21.89 4.57 1.78
N LEU A 279 -21.52 4.22 0.56
CA LEU A 279 -22.52 4.11 -0.53
C LEU A 279 -23.58 3.09 -0.14
N SER A 280 -23.21 2.06 0.65
CA SER A 280 -24.13 0.95 1.03
C SER A 280 -24.95 1.29 2.28
N GLY A 281 -24.80 2.50 2.85
CA GLY A 281 -25.57 2.89 4.04
C GLY A 281 -24.96 2.46 5.36
N VAL A 282 -23.67 2.17 5.40
CA VAL A 282 -22.94 1.85 6.65
C VAL A 282 -22.01 3.04 6.93
N GLY A 283 -22.31 3.80 7.98
CA GLY A 283 -21.48 4.96 8.29
C GLY A 283 -22.21 5.97 9.14
N PRO A 284 -21.68 7.19 9.20
CA PRO A 284 -22.19 8.16 10.17
C PRO A 284 -23.62 8.60 9.84
N GLU A 285 -24.53 8.46 10.82
CA GLU A 285 -25.99 8.58 10.59
C GLU A 285 -26.34 9.96 10.04
N SER A 286 -25.87 11.06 10.64
CA SER A 286 -26.35 12.38 10.18
C SER A 286 -25.69 12.70 8.82
N TYR A 287 -24.46 12.26 8.60
CA TYR A 287 -23.77 12.42 7.29
C TYR A 287 -24.56 11.70 6.21
N LEU A 288 -24.87 10.42 6.39
CA LEU A 288 -25.56 9.63 5.34
C LEU A 288 -26.97 10.21 5.15
N SER A 289 -27.61 10.62 6.24
CA SER A 289 -28.96 11.25 6.15
C SER A 289 -28.92 12.55 5.35
N SER A 290 -27.84 13.32 5.50
CA SER A 290 -27.54 14.60 4.81
C SER A 290 -27.59 14.33 3.30
N LEU A 291 -27.16 13.13 2.86
CA LEU A 291 -27.08 12.77 1.42
C LEU A 291 -28.33 12.02 0.94
N ASN A 292 -29.29 11.75 1.82
CA ASN A 292 -30.49 10.94 1.54
C ASN A 292 -30.10 9.51 1.14
N ILE A 293 -29.01 9.00 1.77
CA ILE A 293 -28.65 7.57 1.69
C ILE A 293 -29.33 6.90 2.89
N THR A 294 -30.19 5.93 2.66
CA THR A 294 -30.81 5.17 3.77
C THR A 294 -29.74 4.49 4.63
N VAL A 295 -29.78 4.76 5.92
CA VAL A 295 -28.83 4.14 6.87
C VAL A 295 -29.23 2.69 7.14
N VAL A 296 -28.33 1.77 6.83
CA VAL A 296 -28.46 0.33 7.18
C VAL A 296 -27.88 0.11 8.56
N GLN A 297 -26.71 0.68 8.83
CA GLN A 297 -25.97 0.52 10.09
C GLN A 297 -25.22 1.81 10.41
N PRO A 298 -25.68 2.54 11.44
CA PRO A 298 -25.03 3.75 11.86
C PRO A 298 -23.70 3.39 12.54
N ASN A 299 -22.65 4.07 12.09
CA ASN A 299 -21.31 3.92 12.69
C ASN A 299 -20.57 5.20 12.41
N PRO A 300 -20.23 5.99 13.45
CA PRO A 300 -19.65 7.29 13.25
C PRO A 300 -18.23 7.27 12.65
N TYR A 301 -17.63 6.11 12.52
CA TYR A 301 -16.18 6.03 12.21
C TYR A 301 -15.87 5.59 10.79
N VAL A 302 -16.88 5.27 10.00
CA VAL A 302 -16.62 4.79 8.63
C VAL A 302 -16.05 5.94 7.81
N GLY A 303 -14.83 5.79 7.31
CA GLY A 303 -14.13 6.85 6.59
C GLY A 303 -13.51 7.86 7.54
N GLN A 304 -13.57 7.62 8.85
CA GLN A 304 -12.80 8.45 9.80
C GLN A 304 -11.48 7.77 10.15
N PHE A 305 -10.56 8.55 10.72
CA PHE A 305 -9.22 8.07 11.10
C PHE A 305 -8.56 7.45 9.86
N VAL A 306 -8.35 8.31 8.86
CA VAL A 306 -7.62 8.00 7.63
C VAL A 306 -6.28 8.71 7.72
N TYR A 307 -5.21 8.00 7.42
CA TYR A 307 -3.83 8.42 7.72
C TYR A 307 -2.93 8.30 6.50
N ASP A 308 -2.08 9.29 6.31
CA ASP A 308 -1.03 9.18 5.29
C ASP A 308 0.30 9.60 5.90
N ASN A 309 1.20 8.61 6.13
CA ASN A 309 2.56 8.91 6.66
C ASN A 309 3.28 9.84 5.71
N PRO A 310 3.73 11.00 6.21
CA PRO A 310 4.47 11.93 5.39
C PRO A 310 5.78 11.35 4.83
N ARG A 311 6.06 11.72 3.59
CA ARG A 311 7.37 11.56 2.95
C ARG A 311 8.03 12.93 2.83
N ASN A 312 9.23 13.05 3.31
CA ASN A 312 10.09 14.23 3.03
C ASN A 312 11.40 13.77 2.46
N PHE A 313 12.04 14.64 1.69
CA PHE A 313 13.11 14.17 0.81
C PHE A 313 13.99 15.32 0.35
N ILE A 314 15.19 14.97 -0.07
CA ILE A 314 16.03 15.83 -0.92
C ILE A 314 16.43 14.99 -2.11
N ASN A 315 16.85 15.65 -3.19
CA ASN A 315 17.31 15.02 -4.42
C ASN A 315 18.72 15.53 -4.71
N ILE A 316 19.66 14.63 -4.86
CA ILE A 316 21.04 15.03 -5.29
C ILE A 316 21.28 14.57 -6.72
N LEU A 317 22.05 15.37 -7.45
CA LEU A 317 22.43 15.15 -8.86
C LEU A 317 23.94 14.96 -8.89
N PRO A 318 24.44 13.73 -8.80
CA PRO A 318 25.88 13.50 -8.78
C PRO A 318 26.49 13.97 -10.10
N PRO A 319 27.79 14.36 -10.07
CA PRO A 319 28.42 14.85 -11.28
C PRO A 319 28.81 13.73 -12.24
N ASN A 320 28.80 12.49 -11.78
CA ASN A 320 29.04 11.27 -12.59
C ASN A 320 27.77 10.44 -12.48
N PRO A 321 27.36 9.73 -13.53
CA PRO A 321 26.19 8.87 -13.44
C PRO A 321 26.24 7.83 -12.32
N ILE A 322 25.09 7.65 -11.67
CA ILE A 322 24.85 6.52 -10.75
C ILE A 322 23.90 5.50 -11.40
N GLU A 323 23.97 4.26 -10.94
CA GLU A 323 23.19 3.14 -11.46
C GLU A 323 21.81 3.24 -10.81
N ALA A 324 20.75 3.14 -11.60
CA ALA A 324 19.36 3.03 -11.09
C ALA A 324 19.24 1.76 -10.23
N SER A 325 18.41 1.85 -9.18
CA SER A 325 18.22 0.76 -8.22
C SER A 325 16.73 0.66 -7.87
N VAL A 326 16.35 -0.46 -7.29
CA VAL A 326 15.10 -0.50 -6.48
C VAL A 326 15.51 -0.46 -5.02
N VAL A 327 14.64 0.07 -4.20
CA VAL A 327 14.95 0.22 -2.77
C VAL A 327 15.02 -1.13 -2.07
N THR A 328 16.15 -1.40 -1.42
CA THR A 328 16.37 -2.63 -0.64
C THR A 328 17.02 -2.39 0.71
N VAL A 329 17.65 -1.22 0.88
CA VAL A 329 18.43 -0.91 2.09
C VAL A 329 17.70 0.13 2.91
N LEU A 330 17.35 -0.23 4.15
CA LEU A 330 16.52 0.59 5.05
C LEU A 330 17.32 1.04 6.28
N GLY A 331 17.16 2.31 6.66
CA GLY A 331 17.71 2.88 7.90
C GLY A 331 16.57 3.22 8.85
N ILE A 332 16.43 2.40 9.87
CA ILE A 332 15.25 2.38 10.76
C ILE A 332 15.60 2.91 12.15
N ARG A 333 14.87 3.93 12.59
CA ARG A 333 14.77 4.39 13.99
C ARG A 333 13.30 4.38 14.39
N SER A 334 13.00 4.46 15.67
CA SER A 334 11.60 4.57 16.14
C SER A 334 10.94 5.83 15.59
N ASP A 335 11.71 6.92 15.40
CA ASP A 335 11.08 8.14 15.00
C ASP A 335 11.18 8.54 13.51
N TYR A 336 11.81 7.69 12.70
CA TYR A 336 11.92 7.95 11.24
C TYR A 336 12.43 6.72 10.55
N TYR A 337 11.92 6.45 9.33
CA TYR A 337 12.34 5.32 8.52
C TYR A 337 12.88 5.84 7.20
N GLN A 338 14.12 5.54 6.86
CA GLN A 338 14.79 6.21 5.72
C GLN A 338 15.23 5.21 4.67
N VAL A 339 15.19 5.65 3.43
CA VAL A 339 15.65 4.90 2.24
C VAL A 339 16.16 5.90 1.21
N SER A 340 16.74 5.37 0.15
CA SER A 340 17.02 6.19 -1.05
C SER A 340 16.83 5.37 -2.30
N LEU A 341 16.17 5.98 -3.29
CA LEU A 341 16.05 5.42 -4.66
C LEU A 341 17.05 6.15 -5.59
N SER A 342 17.77 5.40 -6.42
CA SER A 342 18.52 6.05 -7.52
C SER A 342 17.75 5.78 -8.78
N SER A 343 17.70 6.76 -9.65
CA SER A 343 16.79 6.74 -10.80
C SER A 343 17.45 7.38 -12.00
N LEU A 344 17.07 6.87 -13.17
CA LEU A 344 17.24 7.61 -14.42
C LEU A 344 16.50 8.94 -14.35
N PRO A 345 16.87 9.92 -15.20
CA PRO A 345 16.10 11.14 -15.30
C PRO A 345 14.67 10.88 -15.81
N PHE A 346 13.79 11.85 -15.62
CA PHE A 346 12.36 11.76 -16.00
C PHE A 346 12.13 12.80 -17.08
N SER A 347 11.64 12.37 -18.23
CA SER A 347 11.25 13.29 -19.32
C SER A 347 9.84 13.83 -19.11
N THR A 348 9.01 13.07 -18.44
CA THR A 348 7.67 13.53 -18.03
C THR A 348 7.50 13.17 -16.57
N PRO A 349 6.63 13.86 -15.82
CA PRO A 349 6.53 13.63 -14.38
C PRO A 349 5.87 12.28 -14.09
N PRO A 350 6.45 11.43 -13.21
CA PRO A 350 5.75 10.29 -12.64
C PRO A 350 4.81 10.80 -11.57
N PHE A 351 3.49 10.76 -11.83
CA PHE A 351 2.54 11.45 -10.98
C PHE A 351 2.69 10.96 -9.54
N SER A 352 2.74 11.93 -8.62
CA SER A 352 2.85 11.81 -7.14
C SER A 352 4.28 11.54 -6.70
N PHE A 353 5.21 11.17 -7.56
CA PHE A 353 6.59 10.97 -7.13
C PHE A 353 7.04 12.26 -6.43
N PHE A 354 6.87 13.39 -7.11
CA PHE A 354 6.88 14.70 -6.45
C PHE A 354 5.44 15.16 -6.22
N PRO A 355 5.20 15.98 -5.19
CA PRO A 355 3.84 16.17 -4.68
C PRO A 355 2.95 17.07 -5.52
N THR A 356 3.55 17.81 -6.45
CA THR A 356 2.80 18.65 -7.41
C THR A 356 3.32 18.45 -8.83
N THR A 357 2.51 18.85 -9.81
CA THR A 357 2.86 18.64 -11.23
C THR A 357 3.89 19.69 -11.68
N SER A 358 4.11 20.78 -10.97
CA SER A 358 5.04 21.82 -11.48
C SER A 358 6.48 21.60 -10.95
N TYR A 359 6.73 20.56 -10.20
CA TYR A 359 8.07 20.27 -9.65
C TYR A 359 9.11 20.13 -10.75
N PRO A 360 10.34 20.66 -10.57
CA PRO A 360 11.37 20.52 -11.58
C PRO A 360 11.78 19.07 -11.82
N LEU A 361 11.91 18.62 -13.07
CA LEU A 361 12.29 17.22 -13.35
C LEU A 361 13.81 17.12 -13.50
N PRO A 362 14.35 15.99 -13.06
CA PRO A 362 15.77 15.71 -13.24
C PRO A 362 16.11 15.37 -14.69
N ASN A 363 17.18 15.94 -15.19
CA ASN A 363 17.63 15.65 -16.58
C ASN A 363 18.90 14.82 -16.56
N SER A 364 19.37 14.37 -15.40
CA SER A 364 20.49 13.41 -15.26
C SER A 364 20.12 12.42 -14.13
N THR A 365 20.94 11.41 -13.91
CA THR A 365 20.66 10.37 -12.88
C THR A 365 20.64 11.07 -11.52
N PHE A 366 19.80 10.63 -10.62
CA PHE A 366 19.61 11.35 -9.33
C PHE A 366 19.32 10.34 -8.25
N ALA A 367 19.63 10.75 -7.02
CA ALA A 367 19.27 10.01 -5.82
C ALA A 367 18.19 10.79 -5.10
N HIS A 368 17.07 10.08 -4.88
CA HIS A 368 15.94 10.56 -4.08
C HIS A 368 16.15 10.00 -2.69
N ILE A 369 16.38 10.89 -1.73
CA ILE A 369 16.84 10.51 -0.35
C ILE A 369 15.71 10.91 0.59
N VAL A 370 15.11 9.91 1.28
CA VAL A 370 13.75 10.00 1.84
C VAL A 370 13.74 9.66 3.32
N SER A 371 12.80 10.25 4.02
CA SER A 371 12.47 9.94 5.42
C SER A 371 10.94 9.92 5.57
N GLN A 372 10.45 8.93 6.29
CA GLN A 372 9.04 8.66 6.56
C GLN A 372 8.77 8.95 8.03
N VAL A 373 7.71 9.66 8.30
CA VAL A 373 7.20 9.89 9.68
C VAL A 373 6.38 8.68 10.10
N PRO A 374 6.65 8.11 11.27
CA PRO A 374 5.85 7.02 11.80
C PRO A 374 4.49 7.47 12.30
N GLY A 375 3.55 6.52 12.35
CA GLY A 375 2.18 6.74 12.81
C GLY A 375 1.31 6.89 11.59
N PRO A 376 1.09 8.10 11.07
CA PRO A 376 1.39 9.39 11.72
C PRO A 376 0.27 9.62 12.74
N LEU A 377 0.42 10.64 13.59
CA LEU A 377 -0.63 10.95 14.58
C LEU A 377 -1.72 11.84 13.96
N SER A 378 -1.40 12.59 12.93
CA SER A 378 -2.36 13.40 12.14
C SER A 378 -3.30 12.49 11.37
N HIS A 379 -4.59 12.79 11.34
CA HIS A 379 -5.57 11.97 10.60
C HIS A 379 -6.61 12.86 9.96
N GLY A 380 -7.23 12.31 8.94
CA GLY A 380 -8.37 12.91 8.25
C GLY A 380 -9.41 11.88 7.90
N SER A 381 -10.00 12.02 6.73
CA SER A 381 -11.23 11.29 6.41
C SER A 381 -11.40 11.03 4.92
N VAL A 382 -12.15 9.97 4.63
CA VAL A 382 -12.73 9.69 3.30
C VAL A 382 -14.21 10.00 3.38
N THR A 383 -14.68 10.83 2.46
CA THR A 383 -16.11 11.17 2.31
C THR A 383 -16.51 11.00 0.85
N LEU A 384 -17.81 10.89 0.60
CA LEU A 384 -18.24 10.68 -0.80
C LEU A 384 -18.20 12.00 -1.57
N ASN A 385 -17.89 11.88 -2.86
CA ASN A 385 -18.01 12.97 -3.85
C ASN A 385 -19.35 12.77 -4.54
N SER A 386 -19.58 11.59 -5.03
CA SER A 386 -20.87 11.15 -5.61
C SER A 386 -21.60 10.27 -4.60
N SER A 387 -22.88 10.51 -4.36
CA SER A 387 -23.69 9.63 -3.47
C SER A 387 -24.15 8.35 -4.16
N SER A 388 -23.83 8.13 -5.43
CA SER A 388 -24.29 6.95 -6.17
C SER A 388 -23.19 6.25 -6.97
N ASP A 389 -22.15 6.94 -7.43
CA ASP A 389 -21.31 6.37 -8.50
C ASP A 389 -19.95 5.99 -7.85
N VAL A 390 -19.73 4.68 -7.76
CA VAL A 390 -18.49 4.14 -7.14
C VAL A 390 -17.28 4.43 -8.02
N ARG A 391 -17.46 4.78 -9.29
CA ARG A 391 -16.30 5.08 -10.16
C ARG A 391 -15.86 6.54 -10.00
N ILE A 392 -16.62 7.37 -9.28
CA ILE A 392 -16.20 8.74 -8.91
C ILE A 392 -15.44 8.64 -7.61
N ALA A 393 -14.18 9.04 -7.64
CA ALA A 393 -13.27 8.88 -6.48
C ALA A 393 -13.89 9.65 -5.33
N PRO A 394 -13.78 9.13 -4.11
CA PRO A 394 -14.20 9.90 -2.95
C PRO A 394 -13.21 11.05 -2.67
N ASN A 395 -13.66 11.97 -1.85
CA ASN A 395 -12.84 13.04 -1.27
C ASN A 395 -11.95 12.46 -0.18
N ILE A 396 -10.68 12.80 -0.17
CA ILE A 396 -9.79 12.30 0.90
C ILE A 396 -8.91 13.43 1.38
N LYS A 397 -8.84 13.58 2.69
CA LYS A 397 -8.03 14.59 3.36
C LYS A 397 -7.21 13.92 4.44
N PHE A 398 -5.92 14.24 4.53
CA PHE A 398 -5.00 13.58 5.48
C PHE A 398 -4.60 14.49 6.62
N ASN A 399 -4.74 15.80 6.45
CA ASN A 399 -4.36 16.79 7.49
C ASN A 399 -2.88 16.67 7.91
N TYR A 400 -1.97 16.59 6.93
CA TYR A 400 -0.53 16.44 7.16
C TYR A 400 -0.07 17.48 8.20
N TYR A 401 0.65 17.00 9.19
CA TYR A 401 1.33 17.84 10.21
C TYR A 401 0.31 18.66 11.01
N SER A 402 -0.93 18.21 11.15
CA SER A 402 -1.89 18.85 12.09
C SER A 402 -1.49 18.51 13.52
N ASN A 403 -0.83 17.40 13.73
CA ASN A 403 -0.36 16.96 15.06
C ASN A 403 1.12 17.29 15.19
N SER A 404 1.47 18.13 16.17
CA SER A 404 2.84 18.66 16.31
C SER A 404 3.89 17.54 16.52
N THR A 405 3.53 16.35 17.01
CA THR A 405 4.49 15.25 17.21
C THR A 405 5.01 14.83 15.82
N ASP A 406 4.11 14.83 14.84
CA ASP A 406 4.53 14.42 13.51
C ASP A 406 5.60 15.38 12.98
N LEU A 407 5.37 16.67 13.23
CA LEU A 407 6.31 17.70 12.74
C LEU A 407 7.64 17.52 13.46
N ALA A 408 7.63 17.29 14.77
CA ALA A 408 8.88 17.09 15.55
C ALA A 408 9.65 15.90 14.99
N ASN A 409 8.93 14.83 14.62
CA ASN A 409 9.59 13.63 14.08
C ASN A 409 10.13 13.91 12.67
N CYS A 410 9.47 14.69 11.84
CA CYS A 410 10.03 15.10 10.52
C CYS A 410 11.31 15.92 10.76
N VAL A 411 11.30 16.83 11.74
CA VAL A 411 12.53 17.62 12.02
C VAL A 411 13.69 16.68 12.36
N SER A 412 13.48 15.67 13.22
CA SER A 412 14.51 14.66 13.60
C SER A 412 14.97 13.90 12.34
N GLY A 413 14.04 13.42 11.51
CA GLY A 413 14.41 12.72 10.27
C GLY A 413 15.25 13.61 9.36
N MET A 414 14.89 14.88 9.24
CA MET A 414 15.60 15.80 8.30
C MET A 414 17.03 16.07 8.79
N LYS A 415 17.18 16.25 10.12
CA LYS A 415 18.54 16.37 10.73
C LYS A 415 19.36 15.13 10.45
N LYS A 416 18.76 13.94 10.53
CA LYS A 416 19.50 12.69 10.23
C LYS A 416 19.88 12.63 8.76
N LEU A 417 19.02 13.16 7.86
CA LEU A 417 19.38 13.20 6.42
C LEU A 417 20.58 14.15 6.26
N GLY A 418 20.65 15.21 7.06
CA GLY A 418 21.83 16.09 7.04
C GLY A 418 23.08 15.31 7.43
N ASP A 419 22.99 14.51 8.50
CA ASP A 419 24.07 13.69 8.87
C ASP A 419 24.50 12.76 7.76
N LEU A 420 23.52 12.14 7.08
CA LEU A 420 23.80 11.22 5.97
C LEU A 420 24.55 11.94 4.86
N LEU A 421 24.13 13.16 4.52
CA LEU A 421 24.81 13.91 3.42
C LEU A 421 26.24 14.26 3.83
N ARG A 422 26.54 14.27 5.13
CA ARG A 422 27.91 14.60 5.62
C ARG A 422 28.82 13.38 5.72
N THR A 423 28.38 12.16 5.40
CA THR A 423 29.20 10.94 5.56
C THR A 423 30.31 10.90 4.50
N LYS A 424 31.39 10.20 4.78
CA LYS A 424 32.32 9.82 3.71
C LYS A 424 31.67 8.96 2.64
N ALA A 425 30.72 8.10 3.00
CA ALA A 425 30.00 7.27 2.01
C ALA A 425 29.45 8.17 0.89
N LEU A 426 28.88 9.31 1.23
CA LEU A 426 28.15 10.13 0.20
C LEU A 426 29.08 11.17 -0.41
N GLU A 427 30.26 11.38 0.16
CA GLU A 427 31.19 12.43 -0.31
C GLU A 427 31.49 12.33 -1.81
N PRO A 428 31.71 11.12 -2.40
CA PRO A 428 32.03 11.01 -3.83
C PRO A 428 30.95 11.51 -4.78
N TYR A 429 29.76 11.83 -4.24
CA TYR A 429 28.60 12.23 -5.09
C TYR A 429 28.39 13.74 -5.06
N LYS A 430 29.28 14.47 -4.40
CA LYS A 430 29.27 15.95 -4.42
C LYS A 430 29.81 16.47 -5.76
N ALA A 431 29.26 17.59 -6.19
CA ALA A 431 29.71 18.31 -7.41
C ALA A 431 30.98 19.12 -7.09
N ARG A 432 31.07 19.62 -5.87
CA ARG A 432 32.19 20.49 -5.42
C ARG A 432 32.80 19.87 -4.15
N ASP A 433 34.13 19.74 -4.10
CA ASP A 433 34.82 19.15 -2.97
C ASP A 433 35.07 20.20 -1.89
N VAL A 434 33.99 20.80 -1.43
CA VAL A 434 33.94 21.81 -0.33
C VAL A 434 33.55 21.10 0.97
N LEU A 435 33.71 21.76 2.12
CA LEU A 435 33.50 21.06 3.42
C LEU A 435 32.01 20.80 3.66
N GLY A 436 31.17 21.68 3.18
CA GLY A 436 29.72 21.68 3.43
C GLY A 436 28.89 20.82 2.50
N ILE A 437 27.64 20.56 2.92
CA ILE A 437 26.68 19.79 2.08
C ILE A 437 26.16 20.68 0.94
N ASP A 438 26.49 21.97 0.90
CA ASP A 438 26.24 22.75 -0.29
C ASP A 438 27.10 22.36 -1.47
N GLY A 439 28.05 21.44 -1.30
CA GLY A 439 28.84 20.87 -2.41
C GLY A 439 28.04 19.90 -3.26
N PHE A 440 26.90 19.42 -2.76
CA PHE A 440 25.99 18.64 -3.65
C PHE A 440 25.26 19.62 -4.56
N ASN A 441 24.95 19.13 -5.76
CA ASN A 441 23.92 19.78 -6.61
C ASN A 441 22.55 19.15 -6.26
N TYR A 442 21.56 19.97 -6.01
CA TYR A 442 20.21 19.53 -5.59
C TYR A 442 19.24 19.75 -6.75
N LEU A 443 18.30 18.80 -6.89
CA LEU A 443 17.04 19.05 -7.61
C LEU A 443 15.99 19.46 -6.59
N GLY A 444 15.36 20.63 -6.76
CA GLY A 444 14.39 21.15 -5.80
C GLY A 444 15.04 21.69 -4.54
N VAL A 445 14.38 21.57 -3.41
CA VAL A 445 14.74 22.38 -2.23
C VAL A 445 15.78 21.62 -1.42
N PRO A 446 16.96 22.19 -1.09
CA PRO A 446 17.89 21.49 -0.22
C PRO A 446 17.47 21.62 1.24
N LEU A 447 18.17 20.90 2.14
CA LEU A 447 17.96 21.08 3.59
C LEU A 447 18.35 22.49 3.92
N PRO A 448 17.72 23.13 4.93
CA PRO A 448 18.10 24.47 5.35
C PRO A 448 19.55 24.56 5.87
N GLN A 451 19.99 26.71 8.75
CA GLN A 451 20.36 25.39 9.32
C GLN A 451 20.67 25.56 10.82
N THR A 452 20.37 24.52 11.62
CA THR A 452 20.56 24.45 13.12
C THR A 452 19.20 24.54 13.81
N ASP A 453 18.62 25.74 13.82
CA ASP A 453 17.37 26.06 14.47
C ASP A 453 16.17 25.27 13.86
N ASP A 454 15.33 24.75 14.76
CA ASP A 454 14.22 23.90 14.37
C ASP A 454 13.22 24.56 13.39
N ALA A 455 13.04 25.89 13.46
CA ALA A 455 12.03 26.64 12.68
C ALA A 455 12.26 26.48 11.16
N SER A 456 13.52 26.44 10.72
CA SER A 456 13.86 26.30 9.28
C SER A 456 13.50 24.87 8.85
N PHE A 457 13.79 23.91 9.72
CA PHE A 457 13.44 22.49 9.49
C PHE A 457 11.92 22.31 9.49
N GLU A 458 11.21 22.96 10.39
CA GLU A 458 9.73 22.87 10.43
C GLU A 458 9.16 23.40 9.11
N THR A 459 9.61 24.56 8.63
CA THR A 459 9.14 25.14 7.37
C THR A 459 9.43 24.15 6.24
N PHE A 460 10.62 23.60 6.23
CA PHE A 460 11.02 22.62 5.20
C PHE A 460 10.05 21.43 5.21
N CYS A 461 9.80 20.88 6.39
CA CYS A 461 8.91 19.70 6.55
C CYS A 461 7.52 20.02 5.97
N LEU A 462 6.94 21.14 6.39
CA LEU A 462 5.59 21.54 6.00
C LEU A 462 5.52 21.80 4.51
N ASP A 463 6.48 22.53 3.94
CA ASP A 463 6.33 23.01 2.58
C ASP A 463 6.58 21.91 1.59
N ASN A 464 7.44 20.96 1.94
CA ASN A 464 7.99 20.06 0.91
C ASN A 464 7.44 18.63 1.09
N VAL A 465 6.38 18.46 1.86
CA VAL A 465 5.81 17.12 2.17
C VAL A 465 5.23 16.49 0.89
N ALA A 466 5.37 15.18 0.81
CA ALA A 466 4.75 14.35 -0.22
C ALA A 466 4.08 13.16 0.48
N SER A 467 3.33 12.37 -0.27
CA SER A 467 2.80 11.10 0.25
C SER A 467 3.88 10.06 0.24
N TYR A 468 3.99 9.26 1.32
CA TYR A 468 4.83 8.03 1.29
C TYR A 468 4.13 6.93 0.50
N TRP A 469 2.83 7.07 0.24
CA TRP A 469 1.96 6.12 -0.46
C TRP A 469 1.51 4.98 0.46
N HIS A 470 1.83 5.04 1.73
CA HIS A 470 1.49 3.97 2.70
C HIS A 470 0.29 4.41 3.54
N TYR A 471 -0.72 5.00 2.92
CA TYR A 471 -1.91 5.45 3.66
C TYR A 471 -2.69 4.24 4.17
N HIS A 472 -3.42 4.46 5.24
CA HIS A 472 -4.14 3.40 5.96
C HIS A 472 -5.27 4.03 6.76
N GLY A 473 -6.18 3.17 7.21
CA GLY A 473 -7.30 3.57 8.08
C GLY A 473 -8.59 3.80 7.35
N GLY A 474 -9.61 4.26 8.09
CA GLY A 474 -10.95 4.47 7.49
C GLY A 474 -11.96 3.38 7.88
N SER A 475 -11.52 2.20 8.30
CA SER A 475 -12.41 1.10 8.76
C SER A 475 -11.72 0.41 9.94
N LEU A 476 -11.36 1.17 10.99
CA LEU A 476 -10.41 0.65 11.97
C LEU A 476 -10.97 -0.49 12.80
N VAL A 477 -10.10 -1.43 13.10
CA VAL A 477 -10.33 -2.36 14.23
C VAL A 477 -10.50 -1.50 15.49
N GLY A 478 -11.57 -1.74 16.24
CA GLY A 478 -11.88 -0.99 17.46
C GLY A 478 -12.86 0.14 17.21
N LYS A 479 -13.15 0.49 15.95
CA LYS A 479 -14.07 1.62 15.63
C LYS A 479 -15.17 1.11 14.75
N VAL A 480 -14.78 0.50 13.64
CA VAL A 480 -15.75 -0.09 12.68
C VAL A 480 -15.76 -1.62 12.87
N LEU A 481 -14.61 -2.26 13.13
CA LEU A 481 -14.52 -3.73 13.17
C LEU A 481 -14.21 -4.23 14.59
N ASP A 482 -14.54 -5.50 14.83
CA ASP A 482 -14.05 -6.19 16.00
C ASP A 482 -12.70 -6.84 15.72
N ASP A 483 -12.17 -7.57 16.71
CA ASP A 483 -10.86 -8.18 16.67
C ASP A 483 -10.76 -9.33 15.67
N SER A 484 -11.89 -9.75 15.11
CA SER A 484 -11.99 -10.77 14.03
C SER A 484 -12.23 -10.11 12.68
N PHE A 485 -12.16 -8.79 12.63
CA PHE A 485 -12.32 -8.01 11.37
C PHE A 485 -13.76 -7.97 10.90
N ARG A 486 -14.72 -8.35 11.73
CA ARG A 486 -16.16 -8.22 11.40
C ARG A 486 -16.63 -6.79 11.55
N VAL A 487 -17.50 -6.35 10.66
CA VAL A 487 -18.15 -5.02 10.80
C VAL A 487 -19.15 -5.11 11.96
N MET A 488 -18.97 -4.28 12.97
CA MET A 488 -19.81 -4.37 14.17
C MET A 488 -21.26 -4.15 13.77
N GLY A 489 -22.14 -5.00 14.28
CA GLY A 489 -23.60 -4.87 14.09
C GLY A 489 -24.10 -5.58 12.87
N ILE A 490 -23.21 -6.10 12.04
CA ILE A 490 -23.62 -6.73 10.76
C ILE A 490 -23.04 -8.14 10.74
N LYS A 491 -23.89 -9.14 10.51
CA LYS A 491 -23.40 -10.51 10.26
C LYS A 491 -22.87 -10.64 8.85
N ALA A 492 -21.97 -11.60 8.66
CA ALA A 492 -21.52 -12.08 7.35
C ALA A 492 -20.82 -10.94 6.55
N LEU A 493 -20.20 -10.00 7.26
CA LEU A 493 -19.47 -8.87 6.63
C LEU A 493 -18.16 -8.62 7.37
N ARG A 494 -17.06 -8.64 6.63
CA ARG A 494 -15.73 -8.36 7.19
C ARG A 494 -15.03 -7.37 6.28
N VAL A 495 -13.94 -6.81 6.81
CA VAL A 495 -13.03 -5.91 6.06
C VAL A 495 -11.62 -6.42 6.33
N VAL A 496 -10.86 -6.59 5.28
CA VAL A 496 -9.43 -7.01 5.38
C VAL A 496 -8.64 -6.28 4.28
N ASP A 497 -7.85 -5.30 4.70
CA ASP A 497 -7.03 -4.48 3.85
C ASP A 497 -6.40 -3.37 4.73
N ALA A 498 -5.72 -2.40 4.13
CA ALA A 498 -5.03 -1.34 4.91
C ALA A 498 -5.99 -0.30 5.50
N SER A 499 -7.31 -0.44 5.34
CA SER A 499 -8.27 0.43 6.04
C SER A 499 -8.36 0.10 7.53
N THR A 500 -7.76 -1.02 7.96
CA THR A 500 -8.07 -1.65 9.27
C THR A 500 -7.22 -1.12 10.44
N PHE A 501 -6.08 -0.44 10.21
CA PHE A 501 -5.16 -0.07 11.31
C PHE A 501 -4.85 1.40 11.25
N PRO A 502 -4.68 2.03 12.44
CA PRO A 502 -4.39 3.47 12.50
C PRO A 502 -2.90 3.84 12.55
N TYR A 503 -2.02 2.85 12.64
CA TYR A 503 -0.56 3.05 12.57
C TYR A 503 0.02 2.01 11.62
N GLU A 504 1.22 2.26 11.16
CA GLU A 504 1.92 1.32 10.28
C GLU A 504 2.27 0.09 11.07
N PRO A 505 2.38 -1.06 10.37
CA PRO A 505 2.99 -2.24 10.99
C PRO A 505 4.53 -2.16 10.96
N ASN A 506 5.10 -1.30 10.10
CA ASN A 506 6.53 -1.24 9.77
C ASN A 506 6.70 -0.11 8.74
N SER A 507 7.89 0.02 8.17
CA SER A 507 8.20 1.08 7.20
C SER A 507 7.52 0.82 5.86
N HIS A 508 7.26 -0.44 5.54
CA HIS A 508 6.82 -0.86 4.19
C HIS A 508 5.78 -1.97 4.40
N PRO A 509 4.48 -1.62 4.34
CA PRO A 509 3.45 -2.50 4.89
C PRO A 509 2.89 -3.57 3.97
N GLN A 510 3.32 -3.68 2.71
CA GLN A 510 2.76 -4.71 1.83
C GLN A 510 2.90 -6.11 2.46
N GLY A 511 4.05 -6.42 3.03
CA GLY A 511 4.27 -7.75 3.63
C GLY A 511 3.22 -8.06 4.68
N PHE A 512 2.93 -7.08 5.54
CA PHE A 512 1.90 -7.28 6.56
C PHE A 512 0.53 -7.53 5.91
N TYR A 513 0.12 -6.71 4.93
CA TYR A 513 -1.26 -6.84 4.35
C TYR A 513 -1.37 -8.07 3.44
N LEU A 514 -0.27 -8.54 2.86
CA LEU A 514 -0.27 -9.85 2.15
C LEU A 514 -0.56 -10.96 3.17
N MET A 515 0.19 -10.98 4.25
CA MET A 515 0.02 -11.96 5.32
C MET A 515 -1.42 -11.86 5.86
N LEU A 516 -1.90 -10.65 6.10
CA LEU A 516 -3.19 -10.45 6.79
C LEU A 516 -4.33 -11.05 5.97
N GLY A 517 -4.27 -10.95 4.65
CA GLY A 517 -5.32 -11.57 3.84
C GLY A 517 -5.43 -13.04 4.12
N ARG A 518 -4.32 -13.78 4.04
CA ARG A 518 -4.39 -15.22 4.30
C ARG A 518 -4.73 -15.49 5.76
N TYR A 519 -4.11 -14.75 6.67
CA TYR A 519 -4.32 -15.00 8.12
C TYR A 519 -5.83 -14.90 8.46
N VAL A 520 -6.50 -13.84 7.98
CA VAL A 520 -7.95 -13.67 8.31
C VAL A 520 -8.72 -14.78 7.59
N GLY A 521 -8.35 -15.16 6.39
CA GLY A 521 -8.96 -16.31 5.72
C GLY A 521 -8.88 -17.54 6.60
N LEU A 522 -7.71 -17.84 7.16
CA LEU A 522 -7.56 -19.02 8.03
C LEU A 522 -8.43 -18.87 9.28
N GLN A 523 -8.54 -17.68 9.87
CA GLN A 523 -9.42 -17.43 11.04
C GLN A 523 -10.88 -17.68 10.68
N ILE A 524 -11.31 -17.22 9.51
CA ILE A 524 -12.69 -17.51 9.03
C ILE A 524 -12.91 -19.03 8.92
N LEU A 525 -11.99 -19.77 8.33
CA LEU A 525 -12.17 -21.22 8.09
C LEU A 525 -12.15 -21.94 9.45
N GLN A 526 -11.31 -21.49 10.38
CA GLN A 526 -11.26 -22.06 11.75
C GLN A 526 -12.56 -21.75 12.48
N GLU A 527 -13.05 -20.50 12.42
CA GLU A 527 -14.26 -20.05 13.17
C GLU A 527 -15.40 -20.91 12.64
N ARG A 528 -15.36 -21.28 11.36
CA ARG A 528 -16.53 -21.90 10.73
C ARG A 528 -16.52 -23.39 11.09
N SER A 529 -15.35 -24.05 11.17
CA SER A 529 -15.26 -25.51 11.48
C SER A 529 -15.70 -25.79 12.92
#